data_9GWK
#
_entry.id   9GWK
#
_cell.length_a   93.607
_cell.length_b   62.020
_cell.length_c   119.462
_cell.angle_alpha   90.000
_cell.angle_beta   101.830
_cell.angle_gamma   90.000
#
_symmetry.space_group_name_H-M   'C 1 2 1'
#
loop_
_entity.id
_entity.type
_entity.pdbx_description
1 polymer 'Peroxisome proliferator-activated receptor gamma'
2 non-polymer '4-[7-chloranyl-1-[2-chloranyl-6-(trifluoromethyl)phenyl]carbonyl-indazol-3-yl]-3-phenylmethoxy-benzoic acid'
3 water water
#
_entity_poly.entity_id   1
_entity_poly.type   'polypeptide(L)'
_entity_poly.pdbx_seq_one_letter_code
;GSHMESADLRALAKHLYDSYIKSFPLTKAKARAILTGKTTDKSPFVIYDMNSLMMGEDKIKFKHITPLQEQSKEVAIRIF
QGCQFRSVEAVQEITEYAKSIPGFVNLDLNDQVTLLKYGVHEIIYTMLASLMNKDGVLISEGQGFMTREFLKSLRKPFGD
FMEPKFEFAVKFNALELDDSDLAIFIAVIILSGDRPGLLNVKPIEDIQDNLLQALELQLKLNHPESSQLFAKLLQKMTDL
RQIVTEHVQLLQVIKKTETDMSLHPLLQEIYKDLY
;
_entity_poly.pdbx_strand_id   B,A
#
loop_
_chem_comp.id
_chem_comp.type
_chem_comp.name
_chem_comp.formula
A1IP9 non-polymer '4-[7-chloranyl-1-[2-chloranyl-6-(trifluoromethyl)phenyl]carbonyl-indazol-3-yl]-3-phenylmethoxy-benzoic acid' 'C29 H17 Cl2 F3 N2 O4'
#
# COMPACT_ATOMS: atom_id res chain seq x y z
N MET A 4 -15.91 3.21 21.18
CA MET A 4 -17.04 2.32 21.50
C MET A 4 -16.68 1.34 22.61
N GLU A 5 -17.71 0.82 23.26
CA GLU A 5 -17.57 -0.19 24.30
C GLU A 5 -17.37 -1.57 23.65
N SER A 6 -16.58 -2.42 24.31
CA SER A 6 -16.30 -3.75 23.80
C SER A 6 -17.56 -4.47 23.33
N ALA A 7 -18.63 -4.40 24.12
CA ALA A 7 -19.85 -5.11 23.77
C ALA A 7 -20.43 -4.62 22.45
N ASP A 8 -20.29 -3.33 22.13
CA ASP A 8 -20.82 -2.83 20.86
C ASP A 8 -19.94 -3.24 19.69
N LEU A 9 -18.63 -3.34 19.91
CA LEU A 9 -17.74 -3.83 18.86
C LEU A 9 -18.08 -5.26 18.50
N ARG A 10 -18.38 -6.10 19.50
CA ARG A 10 -18.75 -7.48 19.23
C ARG A 10 -20.07 -7.56 18.47
N ALA A 11 -21.02 -6.69 18.83
CA ALA A 11 -22.29 -6.61 18.12
C ALA A 11 -22.08 -6.23 16.67
N LEU A 12 -21.21 -5.27 16.42
CA LEU A 12 -20.97 -4.86 15.05
C LEU A 12 -20.30 -6.00 14.27
N ALA A 13 -19.32 -6.66 14.89
CA ALA A 13 -18.66 -7.81 14.27
C ALA A 13 -19.66 -8.92 13.93
N LYS A 14 -20.56 -9.23 14.86
CA LYS A 14 -21.56 -10.25 14.60
C LYS A 14 -22.53 -9.83 13.50
N HIS A 15 -22.96 -8.56 13.51
CA HIS A 15 -23.80 -8.03 12.44
C HIS A 15 -23.16 -8.26 11.08
N LEU A 16 -21.88 -7.89 10.95
CA LEU A 16 -21.21 -8.00 9.65
C LEU A 16 -21.05 -9.45 9.23
N TYR A 17 -20.77 -10.36 10.17
CA TYR A 17 -20.62 -11.78 9.81
C TYR A 17 -21.91 -12.34 9.24
N ASP A 18 -23.04 -12.11 9.92
CA ASP A 18 -24.31 -12.60 9.43
C ASP A 18 -24.59 -12.11 8.02
N SER A 19 -24.33 -10.83 7.74
CA SER A 19 -24.60 -10.29 6.41
C SER A 19 -23.64 -10.84 5.36
N TYR A 20 -22.37 -11.01 5.72
CA TYR A 20 -21.38 -11.59 4.81
C TYR A 20 -21.79 -13.02 4.42
N ILE A 21 -22.37 -13.78 5.35
CA ILE A 21 -22.86 -15.12 5.02
C ILE A 21 -24.01 -15.06 4.03
N LYS A 22 -24.94 -14.13 4.21
CA LYS A 22 -26.06 -14.03 3.29
C LYS A 22 -25.65 -13.48 1.93
N SER A 23 -24.61 -12.63 1.86
CA SER A 23 -24.29 -11.99 0.57
C SER A 23 -23.37 -12.83 -0.29
N PHE A 24 -22.53 -13.64 0.29
CA PHE A 24 -21.53 -14.38 -0.48
C PHE A 24 -21.83 -15.87 -0.41
N PRO A 25 -22.20 -16.50 -1.53
CA PRO A 25 -22.65 -17.90 -1.45
C PRO A 25 -21.56 -18.88 -1.03
N LEU A 26 -20.32 -18.71 -1.47
CA LEU A 26 -19.24 -19.66 -1.19
C LEU A 26 -18.28 -19.07 -0.17
N THR A 27 -18.43 -19.45 1.10
CA THR A 27 -17.61 -18.88 2.16
C THR A 27 -16.22 -19.52 2.20
N LYS A 28 -15.29 -18.87 2.92
CA LYS A 28 -13.97 -19.46 3.07
C LYS A 28 -14.03 -20.81 3.80
N ALA A 29 -14.85 -20.90 4.85
CA ALA A 29 -15.00 -22.16 5.56
C ALA A 29 -15.39 -23.28 4.61
N LYS A 30 -16.38 -23.01 3.75
CA LYS A 30 -16.81 -24.08 2.86
C LYS A 30 -15.73 -24.39 1.82
N ALA A 31 -15.16 -23.34 1.21
CA ALA A 31 -14.12 -23.51 0.21
C ALA A 31 -12.94 -24.35 0.73
N ARG A 32 -12.54 -24.12 1.99
CA ARG A 32 -11.42 -24.90 2.54
C ARG A 32 -11.80 -26.36 2.69
N ALA A 33 -13.05 -26.65 3.05
CA ALA A 33 -13.48 -28.03 3.12
C ALA A 33 -13.29 -28.71 1.77
N ILE A 34 -13.59 -27.99 0.68
CA ILE A 34 -13.43 -28.56 -0.65
C ILE A 34 -11.94 -28.74 -0.99
N LEU A 35 -11.12 -27.73 -0.74
CA LEU A 35 -9.74 -27.80 -1.18
C LEU A 35 -8.93 -28.88 -0.41
N THR A 36 -9.17 -29.00 0.89
CA THR A 36 -8.37 -29.93 1.69
C THR A 36 -8.73 -31.38 1.41
N GLY A 37 -9.97 -31.63 0.99
CA GLY A 37 -10.46 -32.98 0.87
C GLY A 37 -11.13 -33.49 2.12
N LYS A 38 -11.58 -32.58 3.00
CA LYS A 38 -12.16 -32.98 4.28
C LYS A 38 -13.66 -33.25 4.13
N LYS A 42 -18.77 -35.23 -2.49
CA LYS A 42 -18.83 -34.69 -3.85
C LYS A 42 -17.58 -33.86 -4.18
N SER A 43 -16.65 -34.51 -4.86
CA SER A 43 -15.41 -33.87 -5.27
C SER A 43 -15.67 -32.86 -6.39
N PRO A 44 -14.87 -31.81 -6.48
CA PRO A 44 -15.01 -30.88 -7.60
C PRO A 44 -14.41 -31.47 -8.86
N PHE A 45 -15.00 -31.10 -10.00
CA PHE A 45 -14.42 -31.46 -11.28
C PHE A 45 -13.15 -30.64 -11.53
N VAL A 46 -12.09 -31.30 -11.99
CA VAL A 46 -10.77 -30.69 -12.04
C VAL A 46 -10.44 -30.36 -13.49
N ILE A 47 -10.05 -29.11 -13.74
CA ILE A 47 -9.60 -28.69 -15.06
C ILE A 47 -8.10 -28.49 -14.95
N TYR A 48 -7.34 -29.37 -15.62
CA TYR A 48 -5.89 -29.36 -15.56
C TYR A 48 -5.24 -29.31 -16.92
N ASP A 49 -6.02 -29.31 -18.00
CA ASP A 49 -5.51 -29.27 -19.37
C ASP A 49 -6.65 -29.01 -20.35
N MET A 50 -6.29 -28.95 -21.64
CA MET A 50 -7.27 -28.60 -22.67
C MET A 50 -8.43 -29.60 -22.73
N ASN A 51 -8.13 -30.92 -22.73
CA ASN A 51 -9.22 -31.91 -22.86
C ASN A 51 -10.16 -31.92 -21.66
N SER A 52 -9.62 -31.77 -20.44
CA SER A 52 -10.52 -31.74 -19.27
C SER A 52 -11.35 -30.45 -19.24
N LEU A 53 -10.83 -29.35 -19.79
CA LEU A 53 -11.67 -28.15 -19.93
C LEU A 53 -12.88 -28.45 -20.82
N MET A 54 -12.65 -29.13 -21.94
CA MET A 54 -13.74 -29.44 -22.86
C MET A 54 -14.81 -30.29 -22.20
N MET A 55 -14.40 -31.30 -21.43
CA MET A 55 -15.39 -32.12 -20.75
C MET A 55 -16.14 -31.33 -19.69
N GLY A 56 -15.45 -30.40 -19.03
CA GLY A 56 -16.10 -29.65 -17.95
C GLY A 56 -17.26 -28.80 -18.41
N GLU A 57 -17.09 -28.06 -19.50
CA GLU A 57 -18.21 -27.28 -20.02
C GLU A 57 -19.28 -28.18 -20.61
N ASP A 58 -18.90 -29.36 -21.13
CA ASP A 58 -19.88 -30.31 -21.64
C ASP A 58 -20.72 -30.90 -20.51
N LYS A 59 -20.13 -31.11 -19.34
CA LYS A 59 -20.81 -31.75 -18.23
C LYS A 59 -21.41 -30.73 -17.26
N ILE A 60 -20.57 -29.85 -16.69
CA ILE A 60 -21.04 -28.89 -15.68
C ILE A 60 -21.71 -27.69 -16.36
N LYS A 61 -21.28 -27.32 -17.56
CA LYS A 61 -21.76 -26.15 -18.30
C LYS A 61 -21.56 -24.86 -17.50
N PHE A 62 -20.28 -24.52 -17.32
CA PHE A 62 -19.87 -23.22 -16.81
C PHE A 62 -20.51 -22.10 -17.62
N LYS A 63 -21.18 -21.18 -16.93
CA LYS A 63 -21.95 -20.11 -17.58
C LYS A 63 -21.07 -19.00 -18.15
N HIS A 64 -19.85 -18.83 -17.62
CA HIS A 64 -18.85 -18.03 -18.31
C HIS A 64 -18.30 -18.82 -19.51
N ILE A 65 -19.18 -19.19 -20.44
CA ILE A 65 -18.83 -20.01 -21.62
C ILE A 65 -19.97 -19.89 -22.62
N THR A 66 -19.65 -20.17 -23.92
CA THR A 66 -20.49 -20.02 -25.13
C THR A 66 -20.45 -18.56 -25.55
N PRO A 67 -20.89 -18.17 -26.77
CA PRO A 67 -20.63 -16.79 -27.21
C PRO A 67 -21.20 -15.73 -26.28
N LYS A 73 -13.80 -19.53 -30.59
CA LYS A 73 -12.88 -18.60 -29.95
C LYS A 73 -11.71 -19.36 -29.32
N GLU A 74 -10.60 -18.65 -29.11
CA GLU A 74 -9.41 -19.28 -28.57
C GLU A 74 -9.56 -19.52 -27.07
N VAL A 75 -9.03 -20.65 -26.60
CA VAL A 75 -9.25 -21.08 -25.22
C VAL A 75 -8.78 -20.03 -24.22
N ALA A 76 -7.56 -19.54 -24.41
CA ALA A 76 -6.98 -18.57 -23.47
C ALA A 76 -7.86 -17.33 -23.36
N ILE A 77 -8.47 -16.92 -24.46
CA ILE A 77 -9.37 -15.77 -24.42
C ILE A 77 -10.66 -16.14 -23.68
N ARG A 78 -11.26 -17.28 -24.03
CA ARG A 78 -12.48 -17.69 -23.34
C ARG A 78 -12.30 -17.74 -21.81
N ILE A 79 -11.19 -18.31 -21.35
CA ILE A 79 -10.93 -18.35 -19.91
C ILE A 79 -10.80 -16.93 -19.34
N PHE A 80 -10.04 -16.08 -20.02
CA PHE A 80 -9.89 -14.71 -19.56
C PHE A 80 -11.24 -14.03 -19.40
N GLN A 81 -12.10 -14.14 -20.41
CA GLN A 81 -13.41 -13.52 -20.36
C GLN A 81 -14.26 -14.12 -19.25
N GLY A 82 -14.10 -15.44 -19.01
CA GLY A 82 -14.76 -16.08 -17.88
C GLY A 82 -14.45 -15.42 -16.55
N CYS A 83 -13.20 -15.02 -16.34
CA CYS A 83 -12.83 -14.33 -15.12
C CYS A 83 -13.52 -12.98 -15.03
N GLN A 84 -13.70 -12.32 -16.18
CA GLN A 84 -14.40 -11.05 -16.22
C GLN A 84 -15.87 -11.22 -15.89
N PHE A 85 -16.50 -12.27 -16.42
CA PHE A 85 -17.90 -12.55 -16.12
C PHE A 85 -18.12 -12.74 -14.62
N ARG A 86 -17.27 -13.56 -13.98
CA ARG A 86 -17.47 -13.81 -12.56
C ARG A 86 -17.23 -12.54 -11.73
N SER A 87 -16.28 -11.72 -12.16
CA SER A 87 -15.96 -10.48 -11.45
C SER A 87 -17.17 -9.53 -11.43
N VAL A 88 -17.86 -9.42 -12.56
CA VAL A 88 -19.11 -8.66 -12.64
C VAL A 88 -20.17 -9.23 -11.69
N GLU A 89 -20.28 -10.55 -11.59
CA GLU A 89 -21.18 -11.11 -10.59
C GLU A 89 -20.78 -10.68 -9.19
N ALA A 90 -19.50 -10.82 -8.88
CA ALA A 90 -19.03 -10.51 -7.53
C ALA A 90 -19.32 -9.06 -7.17
N VAL A 91 -19.23 -8.12 -8.12
CA VAL A 91 -19.48 -6.71 -7.82
C VAL A 91 -20.87 -6.52 -7.21
N GLN A 92 -21.87 -7.20 -7.76
CA GLN A 92 -23.23 -7.10 -7.23
C GLN A 92 -23.30 -7.69 -5.81
N GLU A 93 -22.59 -8.79 -5.57
CA GLU A 93 -22.60 -9.35 -4.22
C GLU A 93 -21.95 -8.41 -3.21
N ILE A 94 -20.80 -7.83 -3.57
CA ILE A 94 -20.15 -6.83 -2.72
C ILE A 94 -21.05 -5.61 -2.49
N THR A 95 -21.76 -5.18 -3.53
CA THR A 95 -22.63 -4.02 -3.42
C THR A 95 -23.75 -4.27 -2.41
N GLU A 96 -24.35 -5.46 -2.46
CA GLU A 96 -25.40 -5.78 -1.48
C GLU A 96 -24.82 -5.87 -0.08
N TYR A 97 -23.63 -6.46 0.09
CA TYR A 97 -22.98 -6.48 1.40
C TYR A 97 -22.75 -5.08 1.94
N ALA A 98 -22.24 -4.18 1.10
CA ALA A 98 -21.96 -2.82 1.58
C ALA A 98 -23.19 -2.17 2.21
N LYS A 99 -24.38 -2.44 1.67
CA LYS A 99 -25.59 -1.84 2.21
C LYS A 99 -25.86 -2.25 3.66
N SER A 100 -25.33 -3.38 4.11
CA SER A 100 -25.50 -3.78 5.49
C SER A 100 -24.52 -3.10 6.45
N ILE A 101 -23.50 -2.42 5.94
CA ILE A 101 -22.53 -1.79 6.84
C ILE A 101 -23.18 -0.57 7.49
N PRO A 102 -23.33 -0.54 8.82
CA PRO A 102 -24.00 0.58 9.47
C PRO A 102 -23.40 1.90 9.05
N GLY A 103 -24.28 2.80 8.57
CA GLY A 103 -23.94 4.13 8.14
C GLY A 103 -23.75 4.29 6.63
N PHE A 104 -23.51 3.19 5.91
CA PHE A 104 -23.12 3.28 4.51
C PHE A 104 -24.23 3.88 3.66
N VAL A 105 -25.47 3.43 3.83
CA VAL A 105 -26.55 3.92 2.99
C VAL A 105 -26.93 5.34 3.37
N ASN A 106 -26.51 5.83 4.54
CA ASN A 106 -26.75 7.20 4.92
C ASN A 106 -25.75 8.18 4.31
N LEU A 107 -24.71 7.69 3.65
CA LEU A 107 -23.77 8.59 2.98
C LEU A 107 -24.38 9.16 1.70
N ASP A 108 -23.81 10.29 1.28
CA ASP A 108 -24.12 10.88 -0.02
C ASP A 108 -24.09 9.82 -1.14
N LEU A 109 -25.08 9.89 -2.02
CA LEU A 109 -25.24 8.80 -2.99
C LEU A 109 -24.04 8.70 -3.93
N ASN A 110 -23.49 9.84 -4.37
CA ASN A 110 -22.30 9.83 -5.21
C ASN A 110 -21.10 9.23 -4.49
N ASP A 111 -20.98 9.46 -3.19
CA ASP A 111 -19.87 8.90 -2.44
C ASP A 111 -20.04 7.38 -2.28
N GLN A 112 -21.27 6.91 -2.10
CA GLN A 112 -21.52 5.47 -2.09
C GLN A 112 -21.01 4.85 -3.38
N VAL A 113 -21.37 5.45 -4.52
CA VAL A 113 -20.96 4.90 -5.81
C VAL A 113 -19.43 4.93 -5.92
N THR A 114 -18.82 6.04 -5.51
CA THR A 114 -17.37 6.19 -5.57
C THR A 114 -16.63 5.15 -4.71
N LEU A 115 -17.09 4.91 -3.48
CA LEU A 115 -16.44 3.90 -2.64
C LEU A 115 -16.52 2.51 -3.27
N LEU A 116 -17.66 2.16 -3.86
CA LEU A 116 -17.78 0.84 -4.49
C LEU A 116 -16.88 0.76 -5.72
N LYS A 117 -16.93 1.78 -6.57
CA LYS A 117 -16.15 1.81 -7.81
C LYS A 117 -14.67 1.51 -7.58
N TYR A 118 -14.06 2.17 -6.59
CA TYR A 118 -12.63 2.05 -6.36
C TYR A 118 -12.28 0.92 -5.40
N GLY A 119 -13.27 0.32 -4.73
CA GLY A 119 -13.00 -0.71 -3.75
C GLY A 119 -13.21 -2.15 -4.19
N VAL A 120 -14.08 -2.37 -5.20
CA VAL A 120 -14.48 -3.73 -5.58
C VAL A 120 -13.28 -4.53 -6.06
N HIS A 121 -12.33 -3.89 -6.73
CA HIS A 121 -11.18 -4.63 -7.21
C HIS A 121 -10.35 -5.21 -6.07
N GLU A 122 -10.11 -4.41 -5.02
CA GLU A 122 -9.35 -4.90 -3.86
C GLU A 122 -10.08 -6.01 -3.13
N ILE A 123 -11.41 -5.95 -3.10
CA ILE A 123 -12.17 -6.97 -2.40
C ILE A 123 -12.22 -8.26 -3.21
N ILE A 124 -12.35 -8.14 -4.54
CA ILE A 124 -12.33 -9.32 -5.39
C ILE A 124 -11.03 -10.11 -5.19
N TYR A 125 -9.88 -9.43 -5.20
CA TYR A 125 -8.62 -10.13 -4.97
C TYR A 125 -8.59 -10.75 -3.58
N THR A 126 -9.08 -10.01 -2.58
CA THR A 126 -9.07 -10.50 -1.21
C THR A 126 -9.86 -11.80 -1.12
N MET A 127 -11.07 -11.79 -1.67
CA MET A 127 -11.96 -12.91 -1.51
C MET A 127 -11.58 -14.05 -2.44
N LEU A 128 -10.94 -13.73 -3.56
CA LEU A 128 -10.42 -14.78 -4.43
C LEU A 128 -9.40 -15.66 -3.68
N ALA A 129 -8.62 -15.10 -2.78
CA ALA A 129 -7.69 -15.89 -1.98
C ALA A 129 -8.40 -16.96 -1.18
N SER A 130 -9.63 -16.68 -0.73
CA SER A 130 -10.39 -17.71 -0.01
C SER A 130 -10.63 -18.95 -0.85
N LEU A 131 -10.64 -18.84 -2.19
CA LEU A 131 -10.93 -19.96 -3.08
C LEU A 131 -9.67 -20.55 -3.70
N MET A 132 -8.49 -20.12 -3.25
CA MET A 132 -7.24 -20.49 -3.87
C MET A 132 -6.35 -21.23 -2.88
N ASN A 133 -5.55 -22.16 -3.40
CA ASN A 133 -4.36 -22.61 -2.68
C ASN A 133 -3.20 -22.54 -3.67
N LYS A 134 -2.02 -23.02 -3.26
CA LYS A 134 -0.86 -22.92 -4.14
C LYS A 134 -1.02 -23.70 -5.44
N ASP A 135 -2.02 -24.59 -5.53
CA ASP A 135 -2.17 -25.46 -6.70
C ASP A 135 -3.34 -25.12 -7.63
N GLY A 136 -4.30 -24.30 -7.22
CA GLY A 136 -5.35 -23.90 -8.14
C GLY A 136 -6.43 -23.12 -7.44
N VAL A 137 -7.56 -22.94 -8.15
CA VAL A 137 -8.65 -22.06 -7.71
C VAL A 137 -10.00 -22.73 -7.96
N LEU A 138 -10.88 -22.63 -6.99
CA LEU A 138 -12.25 -23.10 -7.14
C LEU A 138 -13.05 -22.18 -8.07
N ILE A 139 -13.95 -22.78 -8.85
CA ILE A 139 -14.83 -22.01 -9.73
C ILE A 139 -16.24 -22.58 -9.64
N SER A 140 -17.19 -21.82 -10.19
CA SER A 140 -18.60 -22.22 -10.29
C SER A 140 -19.14 -22.66 -8.94
N GLU A 141 -19.08 -21.74 -7.98
CA GLU A 141 -19.55 -22.00 -6.62
C GLU A 141 -18.95 -23.29 -6.08
N GLY A 142 -17.66 -23.51 -6.39
CA GLY A 142 -16.92 -24.61 -5.82
C GLY A 142 -17.08 -25.95 -6.51
N GLN A 143 -17.85 -26.03 -7.59
CA GLN A 143 -18.02 -27.29 -8.32
C GLN A 143 -16.82 -27.64 -9.18
N GLY A 144 -16.04 -26.65 -9.58
CA GLY A 144 -14.87 -26.90 -10.40
C GLY A 144 -13.59 -26.48 -9.69
N PHE A 145 -12.44 -26.94 -10.20
CA PHE A 145 -11.14 -26.54 -9.68
C PHE A 145 -10.21 -26.41 -10.88
N MET A 146 -9.64 -25.22 -11.09
CA MET A 146 -8.75 -25.00 -12.22
C MET A 146 -7.32 -24.91 -11.70
N THR A 147 -6.44 -25.76 -12.24
CA THR A 147 -5.10 -25.82 -11.69
C THR A 147 -4.31 -24.57 -12.05
N ARG A 148 -3.40 -24.22 -11.14
CA ARG A 148 -2.46 -23.11 -11.35
C ARG A 148 -1.63 -23.34 -12.60
N GLU A 149 -1.16 -24.57 -12.78
CA GLU A 149 -0.33 -24.93 -13.91
C GLU A 149 -1.05 -24.73 -15.23
N PHE A 150 -2.29 -25.18 -15.31
CA PHE A 150 -3.04 -24.99 -16.54
C PHE A 150 -3.22 -23.50 -16.85
N LEU A 151 -3.56 -22.72 -15.82
CA LEU A 151 -3.66 -21.27 -15.97
C LEU A 151 -2.33 -20.65 -16.38
N LYS A 152 -1.24 -21.00 -15.67
CA LYS A 152 0.04 -20.38 -15.93
C LYS A 152 0.56 -20.71 -17.31
N SER A 153 0.10 -21.80 -17.90
CA SER A 153 0.54 -22.26 -19.21
C SER A 153 -0.27 -21.66 -20.36
N LEU A 154 -1.21 -20.77 -20.08
CA LEU A 154 -1.89 -20.10 -21.18
C LEU A 154 -0.91 -19.20 -21.91
N ARG A 155 -1.15 -19.03 -23.21
CA ARG A 155 -0.19 -18.38 -24.10
C ARG A 155 -0.11 -16.87 -23.84
N LYS A 156 0.81 -16.23 -24.58
CA LYS A 156 1.04 -14.80 -24.83
C LYS A 156 0.96 -14.00 -23.52
N PRO A 157 0.10 -12.99 -23.30
CA PRO A 157 0.10 -12.38 -21.97
C PRO A 157 -0.85 -13.05 -20.98
N PHE A 158 -1.66 -14.01 -21.43
CA PHE A 158 -2.70 -14.54 -20.55
C PHE A 158 -2.12 -15.43 -19.46
N GLY A 159 -1.06 -16.17 -19.77
CA GLY A 159 -0.40 -16.98 -18.75
C GLY A 159 0.05 -16.17 -17.55
N ASP A 160 0.56 -14.96 -17.80
CA ASP A 160 1.11 -14.11 -16.75
C ASP A 160 0.03 -13.30 -16.03
N PHE A 161 -1.23 -13.51 -16.39
CA PHE A 161 -2.35 -12.74 -15.82
C PHE A 161 -2.78 -13.30 -14.47
N MET A 162 -2.83 -14.65 -14.36
CA MET A 162 -3.40 -15.28 -13.19
C MET A 162 -2.37 -15.52 -12.10
N GLU A 163 -1.11 -15.72 -12.49
CA GLU A 163 -0.06 -16.04 -11.53
C GLU A 163 0.09 -15.01 -10.41
N PRO A 164 0.12 -13.69 -10.67
CA PRO A 164 0.19 -12.73 -9.55
C PRO A 164 -0.89 -12.90 -8.51
N LYS A 165 -2.10 -13.26 -8.93
CA LYS A 165 -3.19 -13.54 -8.00
C LYS A 165 -2.84 -14.68 -7.05
N PHE A 166 -2.29 -15.78 -7.59
CA PHE A 166 -1.87 -16.91 -6.75
C PHE A 166 -0.78 -16.50 -5.79
N GLU A 167 0.20 -15.73 -6.27
CA GLU A 167 1.32 -15.35 -5.42
C GLU A 167 0.85 -14.52 -4.23
N PHE A 168 -0.07 -13.58 -4.46
CA PHE A 168 -0.69 -12.83 -3.37
C PHE A 168 -1.47 -13.75 -2.44
N ALA A 169 -2.31 -14.63 -3.02
CA ALA A 169 -3.17 -15.50 -2.21
C ALA A 169 -2.35 -16.40 -1.28
N VAL A 170 -1.26 -16.97 -1.76
CA VAL A 170 -0.42 -17.80 -0.91
C VAL A 170 0.07 -17.02 0.31
N LYS A 171 0.53 -15.80 0.09
CA LYS A 171 1.00 -14.98 1.21
C LYS A 171 -0.18 -14.51 2.08
N PHE A 172 -1.30 -14.14 1.47
CA PHE A 172 -2.43 -13.68 2.29
C PHE A 172 -3.00 -14.81 3.14
N ASN A 173 -3.14 -16.00 2.56
CA ASN A 173 -3.69 -17.12 3.30
C ASN A 173 -2.82 -17.54 4.50
N ALA A 174 -1.52 -17.25 4.48
CA ALA A 174 -0.68 -17.58 5.64
C ALA A 174 -1.14 -16.88 6.91
N LEU A 175 -1.95 -15.83 6.81
CA LEU A 175 -2.51 -15.20 8.00
C LEU A 175 -3.60 -16.04 8.65
N GLU A 176 -4.21 -16.97 7.92
CA GLU A 176 -5.19 -17.91 8.48
C GLU A 176 -6.42 -17.19 9.03
N LEU A 177 -6.87 -16.16 8.31
CA LEU A 177 -8.11 -15.48 8.70
C LEU A 177 -9.31 -16.40 8.43
N ASP A 178 -10.35 -16.24 9.23
CA ASP A 178 -11.62 -16.89 8.92
C ASP A 178 -12.66 -15.85 8.50
N ASP A 179 -13.85 -16.36 8.13
CA ASP A 179 -14.92 -15.53 7.60
C ASP A 179 -15.32 -14.40 8.55
N SER A 180 -15.38 -14.66 9.85
CA SER A 180 -15.70 -13.58 10.79
C SER A 180 -14.62 -12.49 10.80
N ASP A 181 -13.34 -12.86 10.60
CA ASP A 181 -12.31 -11.83 10.40
C ASP A 181 -12.52 -11.09 9.08
N LEU A 182 -12.75 -11.85 8.00
CA LEU A 182 -12.78 -11.25 6.67
C LEU A 182 -13.94 -10.25 6.52
N ALA A 183 -15.09 -10.56 7.12
CA ALA A 183 -16.25 -9.68 6.99
C ALA A 183 -15.96 -8.26 7.48
N ILE A 184 -15.21 -8.13 8.59
CA ILE A 184 -14.87 -6.78 9.04
C ILE A 184 -13.76 -6.19 8.16
N PHE A 185 -12.80 -7.01 7.75
CA PHE A 185 -11.72 -6.51 6.87
C PHE A 185 -12.28 -5.93 5.56
N ILE A 186 -13.19 -6.66 4.93
CA ILE A 186 -13.83 -6.22 3.69
C ILE A 186 -14.53 -4.87 3.91
N ALA A 187 -15.26 -4.76 5.02
CA ALA A 187 -15.91 -3.50 5.36
C ALA A 187 -14.90 -2.36 5.48
N VAL A 188 -13.75 -2.61 6.12
CA VAL A 188 -12.73 -1.57 6.28
C VAL A 188 -12.27 -1.07 4.92
N ILE A 189 -12.02 -1.98 3.98
CA ILE A 189 -11.62 -1.58 2.62
C ILE A 189 -12.66 -0.66 1.97
N ILE A 190 -13.95 -0.99 2.09
CA ILE A 190 -14.96 -0.20 1.39
C ILE A 190 -14.95 1.24 1.88
N LEU A 191 -14.83 1.42 3.18
CA LEU A 191 -14.87 2.76 3.78
C LEU A 191 -13.50 3.41 3.79
N SER A 192 -12.86 3.47 2.63
CA SER A 192 -11.58 4.16 2.49
C SER A 192 -11.84 5.63 2.15
N GLY A 193 -11.42 6.51 3.03
CA GLY A 193 -11.65 7.92 2.84
C GLY A 193 -10.75 8.60 1.86
N ASP A 194 -9.78 7.89 1.30
CA ASP A 194 -8.87 8.49 0.35
C ASP A 194 -9.25 8.18 -1.11
N ARG A 195 -10.46 7.70 -1.37
CA ARG A 195 -10.83 7.45 -2.75
C ARG A 195 -10.96 8.80 -3.47
N PRO A 196 -10.53 8.90 -4.72
CA PRO A 196 -10.67 10.17 -5.46
C PRO A 196 -12.12 10.55 -5.64
N GLY A 197 -12.39 11.84 -5.53
CA GLY A 197 -13.70 12.42 -5.84
C GLY A 197 -14.70 12.37 -4.71
N LEU A 198 -14.31 11.96 -3.51
CA LEU A 198 -15.26 11.92 -2.40
C LEU A 198 -15.68 13.33 -2.01
N LEU A 199 -16.98 13.50 -1.77
CA LEU A 199 -17.54 14.80 -1.41
C LEU A 199 -17.55 15.04 0.10
N ASN A 200 -17.77 13.99 0.90
CA ASN A 200 -17.86 14.20 2.35
C ASN A 200 -17.07 13.10 3.07
N VAL A 201 -15.76 13.33 3.21
CA VAL A 201 -14.85 12.33 3.74
C VAL A 201 -15.12 12.03 5.23
N LYS A 202 -15.62 13.01 5.98
CA LYS A 202 -15.68 12.85 7.43
C LYS A 202 -16.55 11.68 7.88
N PRO A 203 -17.80 11.51 7.42
CA PRO A 203 -18.57 10.35 7.87
C PRO A 203 -17.99 9.03 7.41
N ILE A 204 -17.28 9.02 6.28
CA ILE A 204 -16.66 7.79 5.83
C ILE A 204 -15.56 7.35 6.79
N GLU A 205 -14.69 8.29 7.16
CA GLU A 205 -13.62 7.96 8.10
C GLU A 205 -14.17 7.69 9.49
N ASP A 206 -15.30 8.30 9.84
CA ASP A 206 -15.91 7.98 11.14
C ASP A 206 -16.36 6.53 11.17
N ILE A 207 -16.97 6.05 10.09
CA ILE A 207 -17.38 4.66 10.04
C ILE A 207 -16.15 3.74 10.02
N GLN A 208 -15.14 4.09 9.23
CA GLN A 208 -13.96 3.24 9.16
C GLN A 208 -13.29 3.11 10.52
N ASP A 209 -13.28 4.18 11.32
CA ASP A 209 -12.73 4.10 12.68
C ASP A 209 -13.47 3.06 13.52
N ASN A 210 -14.82 3.03 13.44
CA ASN A 210 -15.55 1.99 14.15
C ASN A 210 -15.18 0.61 13.66
N LEU A 211 -15.10 0.43 12.33
CA LEU A 211 -14.78 -0.88 11.77
C LEU A 211 -13.39 -1.32 12.16
N LEU A 212 -12.43 -0.40 12.15
CA LEU A 212 -11.06 -0.72 12.57
C LEU A 212 -11.04 -1.15 14.04
N GLN A 213 -11.75 -0.43 14.91
CA GLN A 213 -11.86 -0.87 16.29
C GLN A 213 -12.46 -2.27 16.40
N ALA A 214 -13.48 -2.57 15.59
CA ALA A 214 -14.09 -3.88 15.68
C ALA A 214 -13.17 -4.95 15.14
N LEU A 215 -12.43 -4.64 14.06
CA LEU A 215 -11.49 -5.60 13.53
C LEU A 215 -10.39 -5.90 14.53
N GLU A 216 -9.88 -4.86 15.19
CA GLU A 216 -8.80 -5.01 16.16
C GLU A 216 -9.20 -5.95 17.29
N LEU A 217 -10.36 -5.70 17.90
CA LEU A 217 -10.85 -6.55 18.98
C LEU A 217 -11.13 -7.97 18.47
N GLN A 218 -11.71 -8.09 17.28
CA GLN A 218 -11.99 -9.38 16.68
C GLN A 218 -10.72 -10.23 16.58
N LEU A 219 -9.63 -9.61 16.11
CA LEU A 219 -8.36 -10.32 15.90
C LEU A 219 -7.71 -10.71 17.22
N LYS A 220 -7.77 -9.84 18.23
CA LYS A 220 -7.25 -10.18 19.55
C LYS A 220 -8.00 -11.36 20.16
N LEU A 221 -9.33 -11.36 20.05
CA LEU A 221 -10.12 -12.45 20.63
C LEU A 221 -9.99 -13.75 19.83
N ASN A 222 -10.00 -13.65 18.50
CA ASN A 222 -10.03 -14.83 17.67
C ASN A 222 -8.64 -15.39 17.42
N HIS A 223 -7.59 -14.59 17.65
CA HIS A 223 -6.20 -14.98 17.38
C HIS A 223 -5.31 -14.44 18.49
N PRO A 224 -5.58 -14.79 19.75
CA PRO A 224 -4.81 -14.17 20.85
C PRO A 224 -3.34 -14.48 20.81
N GLU A 225 -2.93 -15.53 20.11
CA GLU A 225 -1.52 -15.91 20.06
C GLU A 225 -0.79 -15.35 18.85
N SER A 226 -1.49 -14.60 17.99
CA SER A 226 -0.93 -14.14 16.73
C SER A 226 -0.58 -12.66 16.88
N SER A 227 0.65 -12.41 17.34
CA SER A 227 1.05 -11.07 17.74
C SER A 227 1.00 -10.09 16.56
N GLN A 228 0.42 -8.92 16.81
CA GLN A 228 0.36 -7.84 15.82
C GLN A 228 -0.26 -8.30 14.50
N LEU A 229 -1.25 -9.20 14.59
CA LEU A 229 -1.97 -9.61 13.37
C LEU A 229 -2.73 -8.43 12.77
N PHE A 230 -3.26 -7.55 13.62
CA PHE A 230 -3.94 -6.34 13.16
C PHE A 230 -3.05 -5.54 12.21
N ALA A 231 -1.85 -5.20 12.69
CA ALA A 231 -0.88 -4.47 11.87
C ALA A 231 -0.56 -5.20 10.58
N LYS A 232 -0.34 -6.52 10.68
CA LYS A 232 0.05 -7.29 9.50
C LYS A 232 -1.06 -7.32 8.47
N LEU A 233 -2.30 -7.42 8.93
CA LEU A 233 -3.42 -7.38 8.00
C LEU A 233 -3.54 -6.00 7.34
N LEU A 234 -3.30 -4.92 8.10
CA LEU A 234 -3.33 -3.59 7.49
C LEU A 234 -2.22 -3.44 6.44
N GLN A 235 -1.06 -4.04 6.70
CA GLN A 235 0.03 -4.01 5.73
C GLN A 235 -0.35 -4.70 4.42
N LYS A 236 -1.24 -5.69 4.46
CA LYS A 236 -1.67 -6.32 3.23
C LYS A 236 -2.47 -5.36 2.35
N MET A 237 -3.07 -4.31 2.91
CA MET A 237 -3.71 -3.35 2.02
C MET A 237 -2.71 -2.69 1.07
N THR A 238 -1.42 -2.73 1.37
CA THR A 238 -0.42 -2.29 0.40
C THR A 238 -0.29 -3.29 -0.75
N ASP A 239 -0.22 -4.59 -0.43
CA ASP A 239 -0.17 -5.59 -1.48
C ASP A 239 -1.38 -5.51 -2.40
N LEU A 240 -2.55 -5.16 -1.85
CA LEU A 240 -3.76 -5.12 -2.68
C LEU A 240 -3.72 -3.94 -3.64
N ARG A 241 -3.47 -2.74 -3.11
CA ARG A 241 -3.38 -1.55 -3.95
C ARG A 241 -2.36 -1.75 -5.05
N GLN A 242 -1.26 -2.44 -4.74
CA GLN A 242 -0.19 -2.60 -5.72
C GLN A 242 -0.59 -3.59 -6.80
N ILE A 243 -1.28 -4.66 -6.43
CA ILE A 243 -1.65 -5.66 -7.42
C ILE A 243 -2.79 -5.15 -8.31
N VAL A 244 -3.71 -4.36 -7.75
CA VAL A 244 -4.78 -3.75 -8.56
C VAL A 244 -4.19 -2.87 -9.67
N THR A 245 -3.23 -2.01 -9.34
CA THR A 245 -2.61 -1.16 -10.35
C THR A 245 -1.94 -1.97 -11.45
N GLU A 246 -1.21 -3.02 -11.09
CA GLU A 246 -0.59 -3.89 -12.09
C GLU A 246 -1.66 -4.51 -12.99
N HIS A 247 -2.74 -4.98 -12.39
CA HIS A 247 -3.85 -5.56 -13.13
C HIS A 247 -4.33 -4.60 -14.23
N VAL A 248 -4.58 -3.34 -13.85
CA VAL A 248 -5.01 -2.34 -14.82
C VAL A 248 -4.01 -2.23 -15.96
N GLN A 249 -2.71 -2.20 -15.63
CA GLN A 249 -1.71 -2.12 -16.68
C GLN A 249 -1.72 -3.36 -17.57
N LEU A 250 -2.04 -4.52 -17.00
CA LEU A 250 -2.13 -5.72 -17.82
C LEU A 250 -3.30 -5.65 -18.80
N LEU A 251 -4.47 -5.23 -18.33
CA LEU A 251 -5.60 -5.05 -19.24
C LEU A 251 -5.25 -4.12 -20.40
N GLN A 252 -4.74 -2.93 -20.08
CA GLN A 252 -4.40 -1.97 -21.13
C GLN A 252 -3.58 -2.61 -22.24
N VAL A 253 -2.60 -3.43 -21.86
CA VAL A 253 -1.75 -4.10 -22.86
C VAL A 253 -2.57 -5.09 -23.70
N ILE A 254 -3.50 -5.83 -23.07
CA ILE A 254 -4.36 -6.73 -23.84
C ILE A 254 -5.27 -5.93 -24.78
N LYS A 255 -5.88 -4.86 -24.28
CA LYS A 255 -6.79 -4.07 -25.11
C LYS A 255 -6.10 -3.56 -26.36
N LYS A 256 -4.85 -3.15 -26.26
CA LYS A 256 -4.14 -2.53 -27.37
C LYS A 256 -3.39 -3.52 -28.27
N THR A 257 -3.48 -4.81 -28.01
CA THR A 257 -2.70 -5.81 -28.75
C THR A 257 -3.52 -6.99 -29.27
N GLU A 258 -4.63 -7.32 -28.64
CA GLU A 258 -5.42 -8.51 -28.92
C GLU A 258 -6.68 -8.17 -29.71
N THR A 259 -6.62 -8.46 -31.02
CA THR A 259 -7.71 -8.20 -31.96
C THR A 259 -8.81 -9.27 -31.93
N ASP A 260 -8.60 -10.38 -31.22
CA ASP A 260 -9.58 -11.45 -31.07
C ASP A 260 -10.46 -11.29 -29.81
N MET A 261 -10.49 -10.10 -29.21
CA MET A 261 -11.20 -9.90 -27.94
C MET A 261 -12.62 -9.40 -28.07
N SER A 262 -13.06 -8.93 -29.25
CA SER A 262 -14.31 -8.21 -29.30
C SER A 262 -15.47 -9.14 -28.97
N LEU A 263 -16.41 -8.62 -28.19
CA LEU A 263 -17.65 -9.28 -27.82
C LEU A 263 -18.82 -8.61 -28.55
N HIS A 264 -20.02 -9.12 -28.31
CA HIS A 264 -21.21 -8.41 -28.72
C HIS A 264 -21.22 -7.03 -28.04
N PRO A 265 -21.54 -5.96 -28.77
CA PRO A 265 -21.53 -4.60 -28.17
C PRO A 265 -22.28 -4.47 -26.85
N LEU A 266 -23.45 -5.08 -26.74
CA LEU A 266 -24.16 -5.14 -25.46
C LEU A 266 -23.30 -5.81 -24.39
N LEU A 267 -22.61 -6.90 -24.74
CA LEU A 267 -21.74 -7.56 -23.78
C LEU A 267 -20.59 -6.66 -23.37
N GLN A 268 -19.95 -6.00 -24.34
CA GLN A 268 -18.89 -5.06 -24.01
C GLN A 268 -19.37 -4.00 -23.03
N GLU A 269 -20.62 -3.55 -23.18
CA GLU A 269 -21.15 -2.55 -22.25
C GLU A 269 -21.33 -3.13 -20.87
N ILE A 270 -21.86 -4.36 -20.78
CA ILE A 270 -22.04 -4.98 -19.47
C ILE A 270 -20.71 -5.04 -18.73
N TYR A 271 -19.68 -5.45 -19.45
CA TYR A 271 -18.32 -5.69 -18.96
C TYR A 271 -17.43 -4.45 -18.90
N LYS A 272 -17.91 -3.28 -19.29
CA LYS A 272 -17.10 -2.06 -19.22
C LYS A 272 -16.43 -1.84 -17.84
N HIS B 3 5.74 -10.93 22.06
CA HIS B 3 5.09 -10.02 23.00
C HIS B 3 6.10 -9.47 24.01
N MET B 4 5.97 -8.19 24.36
CA MET B 4 6.87 -7.54 25.29
C MET B 4 6.07 -6.84 26.38
N GLU B 5 6.73 -6.57 27.51
CA GLU B 5 6.13 -5.78 28.58
C GLU B 5 6.20 -4.30 28.25
N SER B 6 5.15 -3.59 28.67
CA SER B 6 5.01 -2.17 28.46
C SER B 6 6.30 -1.40 28.76
N ALA B 7 6.95 -1.69 29.90
CA ALA B 7 8.18 -0.97 30.25
C ALA B 7 9.31 -1.23 29.25
N ASP B 8 9.38 -2.43 28.67
CA ASP B 8 10.41 -2.69 27.68
C ASP B 8 10.08 -1.97 26.36
N LEU B 9 8.80 -1.86 26.04
CA LEU B 9 8.39 -1.10 24.86
C LEU B 9 8.73 0.38 25.00
N ARG B 10 8.56 0.95 26.20
CA ARG B 10 8.94 2.34 26.40
C ARG B 10 10.44 2.51 26.29
N ALA B 11 11.20 1.54 26.80
CA ALA B 11 12.65 1.56 26.69
C ALA B 11 13.09 1.56 25.23
N LEU B 12 12.43 0.76 24.39
CA LEU B 12 12.80 0.73 22.98
C LEU B 12 12.46 2.05 22.28
N ALA B 13 11.29 2.63 22.58
CA ALA B 13 10.91 3.92 22.01
C ALA B 13 11.95 4.98 22.35
N LYS B 14 12.38 5.05 23.61
CA LYS B 14 13.39 6.03 24.02
C LYS B 14 14.73 5.77 23.35
N HIS B 15 15.15 4.50 23.26
CA HIS B 15 16.37 4.16 22.52
C HIS B 15 16.33 4.72 21.11
N LEU B 16 15.25 4.44 20.38
CA LEU B 16 15.18 4.81 18.98
C LEU B 16 15.10 6.34 18.80
N TYR B 17 14.37 7.03 19.67
CA TYR B 17 14.31 8.49 19.58
C TYR B 17 15.69 9.09 19.80
N ASP B 18 16.41 8.57 20.81
CA ASP B 18 17.77 9.03 21.09
C ASP B 18 18.68 8.91 19.87
N SER B 19 18.62 7.78 19.16
CA SER B 19 19.47 7.57 17.98
C SER B 19 19.04 8.43 16.81
N TYR B 20 17.73 8.63 16.67
CA TYR B 20 17.20 9.49 15.62
C TYR B 20 17.75 10.91 15.77
N ILE B 21 17.83 11.43 17.00
CA ILE B 21 18.40 12.75 17.22
C ILE B 21 19.86 12.75 16.85
N LYS B 22 20.59 11.69 17.22
CA LYS B 22 22.00 11.66 16.91
C LYS B 22 22.25 11.53 15.40
N SER B 23 21.35 10.90 14.66
CA SER B 23 21.59 10.60 13.24
C SER B 23 21.08 11.65 12.25
N PHE B 24 20.02 12.39 12.56
CA PHE B 24 19.40 13.31 11.60
C PHE B 24 19.56 14.74 12.10
N PRO B 25 20.39 15.57 11.48
CA PRO B 25 20.64 16.90 12.06
C PRO B 25 19.41 17.81 12.04
N LEU B 26 18.55 17.72 11.05
CA LEU B 26 17.41 18.63 10.96
C LEU B 26 16.15 17.84 11.30
N THR B 27 15.71 17.95 12.55
CA THR B 27 14.52 17.25 13.04
C THR B 27 13.25 17.99 12.61
N LYS B 28 12.10 17.30 12.74
CA LYS B 28 10.82 17.94 12.50
C LYS B 28 10.58 19.10 13.46
N ALA B 29 10.93 18.93 14.73
CA ALA B 29 10.83 20.02 15.70
C ALA B 29 11.58 21.27 15.24
N LYS B 30 12.81 21.12 14.75
CA LYS B 30 13.55 22.28 14.26
C LYS B 30 12.91 22.88 13.02
N ALA B 31 12.55 22.03 12.05
CA ALA B 31 11.91 22.51 10.83
C ALA B 31 10.65 23.32 11.11
N ARG B 32 9.81 22.85 12.05
CA ARG B 32 8.57 23.56 12.35
C ARG B 32 8.84 24.91 13.00
N ALA B 33 9.84 24.99 13.89
CA ALA B 33 10.19 26.29 14.46
C ALA B 33 10.63 27.26 13.37
N ILE B 34 11.39 26.77 12.38
CA ILE B 34 11.80 27.63 11.28
C ILE B 34 10.60 28.01 10.41
N LEU B 35 9.74 27.04 10.10
CA LEU B 35 8.61 27.34 9.21
C LEU B 35 7.58 28.24 9.89
N THR B 36 7.37 28.09 11.19
CA THR B 36 6.36 28.88 11.85
C THR B 36 6.78 30.35 11.92
N GLY B 37 8.06 30.60 12.09
CA GLY B 37 8.52 31.96 12.26
C GLY B 37 8.50 32.43 13.69
N LYS B 38 8.18 33.71 13.87
CA LYS B 38 8.24 34.44 15.14
C LYS B 38 9.66 34.58 15.65
N THR B 39 10.63 33.95 14.98
CA THR B 39 12.02 33.93 15.42
C THR B 39 12.86 34.69 14.40
N THR B 40 13.53 35.76 14.85
CA THR B 40 14.45 36.49 13.97
C THR B 40 15.71 35.70 13.62
N ASP B 41 16.17 34.80 14.50
CA ASP B 41 17.48 34.18 14.27
C ASP B 41 17.44 32.97 13.33
N LYS B 42 16.25 32.43 13.04
CA LYS B 42 16.15 31.21 12.27
C LYS B 42 15.42 31.40 10.94
N SER B 43 15.23 32.65 10.51
CA SER B 43 14.46 32.93 9.30
C SER B 43 15.20 32.52 8.03
N PRO B 44 14.55 31.75 7.14
CA PRO B 44 15.18 31.34 5.88
C PRO B 44 15.06 32.39 4.78
N PHE B 45 16.06 32.39 3.90
CA PHE B 45 15.95 33.12 2.63
C PHE B 45 15.04 32.35 1.66
N VAL B 46 14.16 33.06 0.96
CA VAL B 46 13.09 32.42 0.19
C VAL B 46 13.39 32.51 -1.30
N ILE B 47 13.37 31.35 -1.97
CA ILE B 47 13.61 31.24 -3.41
C ILE B 47 12.29 30.94 -4.10
N TYR B 48 11.82 31.91 -4.89
CA TYR B 48 10.53 31.85 -5.55
C TYR B 48 10.61 32.12 -7.05
N ASP B 49 11.79 32.41 -7.59
CA ASP B 49 11.98 32.69 -9.01
C ASP B 49 13.48 32.68 -9.32
N MET B 50 13.78 32.97 -10.60
CA MET B 50 15.15 32.86 -11.10
C MET B 50 16.10 33.76 -10.34
N ASN B 51 15.74 35.02 -10.15
CA ASN B 51 16.66 35.95 -9.54
C ASN B 51 16.88 35.66 -8.07
N SER B 52 15.82 35.31 -7.34
CA SER B 52 16.04 35.00 -5.94
C SER B 52 16.86 33.73 -5.80
N LEU B 53 16.75 32.79 -6.76
CA LEU B 53 17.66 31.66 -6.80
C LEU B 53 19.10 32.14 -6.95
N MET B 54 19.33 33.09 -7.86
CA MET B 54 20.67 33.61 -8.08
C MET B 54 21.20 34.31 -6.82
N MET B 55 20.38 35.11 -6.17
CA MET B 55 20.81 35.77 -4.95
C MET B 55 21.04 34.75 -3.84
N GLY B 56 20.32 33.62 -3.89
CA GLY B 56 20.43 32.61 -2.85
C GLY B 56 21.83 32.02 -2.75
N GLU B 57 22.47 31.76 -3.89
CA GLU B 57 23.82 31.19 -3.86
C GLU B 57 24.82 32.14 -3.21
N ASP B 58 24.63 33.45 -3.35
CA ASP B 58 25.49 34.40 -2.66
C ASP B 58 25.24 34.40 -1.16
N LYS B 59 24.01 34.13 -0.74
CA LYS B 59 23.62 34.25 0.66
C LYS B 59 23.73 32.94 1.44
N ILE B 60 23.05 31.88 1.00
CA ILE B 60 23.06 30.66 1.81
C ILE B 60 24.38 29.91 1.64
N LYS B 61 24.86 29.82 0.41
CA LYS B 61 26.16 29.24 0.07
C LYS B 61 26.42 27.88 0.74
N SER B 72 28.02 26.77 -14.54
CA SER B 72 27.34 26.99 -15.82
C SER B 72 26.49 25.77 -16.21
N LYS B 73 25.23 25.76 -15.76
CA LYS B 73 24.24 24.76 -16.13
C LYS B 73 22.86 25.41 -16.09
N GLU B 74 21.90 24.76 -16.76
CA GLU B 74 20.50 25.21 -16.74
C GLU B 74 19.89 25.07 -15.34
N VAL B 75 18.93 25.96 -15.04
CA VAL B 75 18.36 26.04 -13.68
C VAL B 75 17.77 24.70 -13.26
N ALA B 76 16.93 24.12 -14.10
CA ALA B 76 16.23 22.89 -13.72
C ALA B 76 17.21 21.77 -13.40
N ILE B 77 18.34 21.73 -14.11
CA ILE B 77 19.36 20.71 -13.85
C ILE B 77 20.06 20.99 -12.52
N ARG B 78 20.51 22.23 -12.30
CA ARG B 78 21.16 22.57 -11.03
C ARG B 78 20.28 22.24 -9.83
N ILE B 79 19.00 22.57 -9.91
CA ILE B 79 18.09 22.20 -8.81
C ILE B 79 17.99 20.69 -8.70
N PHE B 80 17.77 20.00 -9.82
CA PHE B 80 17.67 18.54 -9.79
C PHE B 80 18.92 17.92 -9.20
N GLN B 81 20.10 18.37 -9.65
CA GLN B 81 21.34 17.81 -9.13
C GLN B 81 21.45 18.10 -7.63
N GLY B 82 20.96 19.26 -7.20
CA GLY B 82 20.90 19.55 -5.78
C GLY B 82 20.13 18.53 -4.97
N CYS B 83 18.98 18.07 -5.50
CA CYS B 83 18.14 17.12 -4.76
C CYS B 83 18.79 15.76 -4.64
N GLN B 84 19.48 15.30 -5.70
CA GLN B 84 20.14 14.02 -5.62
C GLN B 84 21.33 14.07 -4.69
N PHE B 85 22.04 15.20 -4.66
CA PHE B 85 23.11 15.43 -3.69
C PHE B 85 22.57 15.29 -2.26
N ARG B 86 21.46 15.94 -1.97
CA ARG B 86 20.88 15.84 -0.64
C ARG B 86 20.36 14.42 -0.37
N SER B 87 19.86 13.75 -1.40
CA SER B 87 19.37 12.38 -1.26
C SER B 87 20.49 11.44 -0.83
N VAL B 88 21.66 11.58 -1.43
CA VAL B 88 22.81 10.78 -1.04
C VAL B 88 23.16 11.02 0.43
N GLU B 89 23.12 12.28 0.86
CA GLU B 89 23.35 12.58 2.27
C GLU B 89 22.30 11.90 3.13
N ALA B 90 21.02 11.97 2.71
CA ALA B 90 19.96 11.35 3.49
C ALA B 90 20.17 9.83 3.58
N VAL B 91 20.57 9.19 2.48
CA VAL B 91 20.82 7.76 2.52
C VAL B 91 21.87 7.45 3.59
N GLN B 92 22.91 8.28 3.65
CA GLN B 92 23.97 8.12 4.64
C GLN B 92 23.43 8.22 6.06
N GLU B 93 22.61 9.24 6.32
CA GLU B 93 22.01 9.40 7.64
C GLU B 93 21.08 8.23 7.96
N ILE B 94 20.27 7.83 7.01
CA ILE B 94 19.38 6.69 7.22
C ILE B 94 20.17 5.42 7.50
N THR B 95 21.28 5.22 6.79
CA THR B 95 22.07 4.01 7.04
C THR B 95 22.65 4.00 8.45
N GLU B 96 23.15 5.14 8.91
CA GLU B 96 23.67 5.20 10.26
C GLU B 96 22.58 4.93 11.29
N TYR B 97 21.38 5.46 11.07
CA TYR B 97 20.27 5.19 11.97
C TYR B 97 19.92 3.70 12.04
N ALA B 98 19.84 3.04 10.88
CA ALA B 98 19.44 1.63 10.85
C ALA B 98 20.37 0.76 11.69
N LYS B 99 21.66 1.07 11.68
CA LYS B 99 22.60 0.28 12.44
C LYS B 99 22.27 0.30 13.93
N SER B 100 21.56 1.33 14.41
CA SER B 100 21.15 1.42 15.81
C SER B 100 19.88 0.62 16.11
N ILE B 101 19.14 0.16 15.11
CA ILE B 101 17.92 -0.58 15.41
C ILE B 101 18.28 -1.96 15.96
N PRO B 102 17.90 -2.30 17.20
CA PRO B 102 18.31 -3.59 17.79
C PRO B 102 17.99 -4.76 16.89
N GLY B 103 19.00 -5.56 16.61
CA GLY B 103 18.88 -6.73 15.78
C GLY B 103 19.28 -6.50 14.33
N PHE B 104 19.31 -5.24 13.88
CA PHE B 104 19.52 -5.01 12.46
C PHE B 104 20.90 -5.49 12.01
N VAL B 105 21.96 -5.09 12.73
CA VAL B 105 23.29 -5.46 12.27
C VAL B 105 23.58 -6.93 12.49
N ASN B 106 22.74 -7.63 13.27
CA ASN B 106 22.90 -9.06 13.49
C ASN B 106 22.31 -9.90 12.37
N LEU B 107 21.54 -9.29 11.49
CA LEU B 107 20.95 -10.00 10.38
C LEU B 107 22.00 -10.34 9.33
N ASP B 108 21.66 -11.33 8.52
CA ASP B 108 22.43 -11.67 7.34
C ASP B 108 22.76 -10.42 6.53
N LEU B 109 24.02 -10.34 6.09
CA LEU B 109 24.53 -9.15 5.45
C LEU B 109 23.78 -8.79 4.17
N ASN B 110 23.43 -9.79 3.36
CA ASN B 110 22.70 -9.52 2.13
C ASN B 110 21.34 -8.89 2.42
N ASP B 111 20.70 -9.34 3.50
CA ASP B 111 19.40 -8.81 3.88
C ASP B 111 19.52 -7.39 4.40
N GLN B 112 20.59 -7.08 5.14
CA GLN B 112 20.85 -5.72 5.54
C GLN B 112 20.87 -4.81 4.31
N VAL B 113 21.60 -5.24 3.27
CA VAL B 113 21.66 -4.46 2.04
C VAL B 113 20.27 -4.37 1.42
N THR B 114 19.57 -5.49 1.32
CA THR B 114 18.24 -5.51 0.73
C THR B 114 17.25 -4.60 1.47
N LEU B 115 17.23 -4.64 2.80
CA LEU B 115 16.33 -3.78 3.56
C LEU B 115 16.60 -2.30 3.28
N LEU B 116 17.87 -1.91 3.20
CA LEU B 116 18.20 -0.52 2.91
C LEU B 116 17.82 -0.14 1.48
N LYS B 117 18.14 -0.99 0.51
CA LYS B 117 17.86 -0.71 -0.90
C LYS B 117 16.41 -0.27 -1.11
N TYR B 118 15.45 -1.02 -0.57
CA TYR B 118 14.04 -0.77 -0.79
C TYR B 118 13.46 0.18 0.23
N GLY B 119 14.14 0.41 1.34
CA GLY B 119 13.54 1.21 2.39
C GLY B 119 13.95 2.67 2.38
N VAL B 120 15.13 2.99 1.83
CA VAL B 120 15.66 4.36 1.99
C VAL B 120 14.72 5.38 1.39
N HIS B 121 14.15 5.09 0.22
CA HIS B 121 13.29 6.08 -0.46
C HIS B 121 12.00 6.33 0.29
N GLU B 122 11.36 5.28 0.80
CA GLU B 122 10.14 5.48 1.56
C GLU B 122 10.40 6.33 2.79
N ILE B 123 11.60 6.23 3.35
CA ILE B 123 11.97 7.02 4.50
C ILE B 123 12.30 8.46 4.10
N ILE B 124 12.99 8.64 2.98
CA ILE B 124 13.29 9.98 2.50
C ILE B 124 12.02 10.78 2.30
N TYR B 125 11.01 10.18 1.64
CA TYR B 125 9.76 10.88 1.41
C TYR B 125 9.08 11.18 2.74
N THR B 126 9.15 10.24 3.68
CA THR B 126 8.52 10.43 4.99
C THR B 126 9.11 11.64 5.70
N MET B 127 10.43 11.73 5.72
CA MET B 127 11.07 12.77 6.52
C MET B 127 11.08 14.10 5.77
N LEU B 128 11.07 14.05 4.44
CA LEU B 128 10.94 15.27 3.63
C LEU B 128 9.64 15.99 3.95
N ALA B 129 8.58 15.26 4.28
CA ALA B 129 7.34 15.89 4.68
C ALA B 129 7.55 16.79 5.89
N SER B 130 8.45 16.39 6.81
CA SER B 130 8.75 17.22 7.97
C SER B 130 9.25 18.60 7.57
N LEU B 131 9.84 18.73 6.38
CA LEU B 131 10.48 19.96 5.94
C LEU B 131 9.54 20.78 5.06
N MET B 132 8.29 20.34 4.95
CA MET B 132 7.33 20.84 3.98
C MET B 132 6.10 21.45 4.66
N ASN B 133 5.54 22.45 3.99
CA ASN B 133 4.15 22.84 4.17
C ASN B 133 3.54 22.97 2.78
N LYS B 134 2.29 23.43 2.72
CA LYS B 134 1.61 23.49 1.43
C LYS B 134 2.25 24.46 0.44
N ASP B 135 3.14 25.36 0.90
CA ASP B 135 3.72 26.39 0.04
C ASP B 135 5.18 26.18 -0.36
N GLY B 136 5.91 25.28 0.30
CA GLY B 136 7.28 25.01 -0.12
C GLY B 136 8.01 24.08 0.83
N VAL B 137 9.34 24.01 0.65
CA VAL B 137 10.19 23.04 1.36
C VAL B 137 11.48 23.70 1.85
N LEU B 138 11.89 23.38 3.07
CA LEU B 138 13.18 23.86 3.58
C LEU B 138 14.34 23.19 2.86
N ILE B 139 15.43 23.94 2.66
CA ILE B 139 16.63 23.41 2.02
C ILE B 139 17.87 23.91 2.76
N SER B 140 19.00 23.31 2.41
CA SER B 140 20.31 23.68 2.95
C SER B 140 20.29 23.79 4.47
N GLU B 141 19.96 22.66 5.10
CA GLU B 141 19.84 22.55 6.56
C GLU B 141 18.95 23.66 7.13
N GLY B 142 17.88 23.98 6.41
CA GLY B 142 16.90 24.90 6.90
C GLY B 142 17.22 26.37 6.71
N GLN B 143 18.37 26.69 6.09
CA GLN B 143 18.73 28.08 5.82
C GLN B 143 17.91 28.65 4.67
N GLY B 144 17.42 27.78 3.78
CA GLY B 144 16.67 28.25 2.62
C GLY B 144 15.25 27.70 2.59
N PHE B 145 14.38 28.29 1.77
CA PHE B 145 13.02 27.79 1.58
C PHE B 145 12.67 27.99 0.12
N MET B 146 12.37 26.91 -0.58
CA MET B 146 12.02 26.96 -1.99
C MET B 146 10.53 26.71 -2.15
N THR B 147 9.84 27.64 -2.85
CA THR B 147 8.40 27.55 -2.93
C THR B 147 7.96 26.42 -3.85
N ARG B 148 6.77 25.89 -3.55
CA ARG B 148 6.15 24.86 -4.37
C ARG B 148 5.94 25.36 -5.79
N GLU B 149 5.47 26.60 -5.92
CA GLU B 149 5.18 27.19 -7.22
C GLU B 149 6.40 27.22 -8.12
N PHE B 150 7.55 27.63 -7.57
CA PHE B 150 8.77 27.72 -8.37
C PHE B 150 9.17 26.35 -8.90
N LEU B 151 9.08 25.32 -8.05
CA LEU B 151 9.36 23.95 -8.47
C LEU B 151 8.42 23.49 -9.58
N LYS B 152 7.13 23.74 -9.42
CA LYS B 152 6.13 23.27 -10.37
C LYS B 152 6.23 23.97 -11.72
N SER B 153 6.85 25.14 -11.78
CA SER B 153 7.03 25.85 -13.04
C SER B 153 8.33 25.49 -13.75
N LEU B 154 9.13 24.57 -13.20
CA LEU B 154 10.32 24.11 -13.90
C LEU B 154 9.93 23.33 -15.15
N ARG B 155 10.79 23.42 -16.17
CA ARG B 155 10.45 22.92 -17.49
C ARG B 155 10.47 21.39 -17.55
N LYS B 156 10.14 20.88 -18.74
CA LYS B 156 10.36 19.51 -19.16
C LYS B 156 9.64 18.52 -18.26
N PRO B 157 10.33 17.49 -17.76
CA PRO B 157 9.74 16.60 -16.76
C PRO B 157 10.00 17.04 -15.33
N PHE B 158 10.86 18.03 -15.15
CA PHE B 158 11.31 18.41 -13.80
C PHE B 158 10.22 19.13 -13.02
N GLY B 159 9.36 19.89 -13.70
CA GLY B 159 8.27 20.55 -13.02
C GLY B 159 7.38 19.61 -12.22
N ASP B 160 7.10 18.44 -12.77
CA ASP B 160 6.23 17.46 -12.12
C ASP B 160 6.97 16.57 -11.13
N PHE B 161 8.21 16.88 -10.82
CA PHE B 161 9.00 15.95 -10.01
C PHE B 161 8.64 16.03 -8.53
N MET B 162 8.54 17.24 -7.99
CA MET B 162 8.33 17.42 -6.55
C MET B 162 6.87 17.48 -6.14
N GLU B 163 5.96 17.84 -7.04
CA GLU B 163 4.56 18.01 -6.65
C GLU B 163 3.97 16.77 -5.99
N PRO B 164 4.15 15.54 -6.50
CA PRO B 164 3.67 14.38 -5.74
C PRO B 164 4.19 14.33 -4.30
N LYS B 165 5.44 14.73 -4.07
CA LYS B 165 5.98 14.81 -2.71
C LYS B 165 5.13 15.74 -1.86
N PHE B 166 4.83 16.93 -2.40
CA PHE B 166 4.02 17.91 -1.68
C PHE B 166 2.64 17.37 -1.38
N GLU B 167 2.04 16.68 -2.35
CA GLU B 167 0.69 16.16 -2.16
C GLU B 167 0.67 15.15 -1.02
N PHE B 168 1.66 14.26 -0.98
CA PHE B 168 1.75 13.32 0.14
C PHE B 168 1.99 14.05 1.46
N ALA B 169 2.93 15.00 1.47
CA ALA B 169 3.30 15.64 2.74
C ALA B 169 2.11 16.32 3.40
N VAL B 170 1.28 17.01 2.61
CA VAL B 170 0.13 17.70 3.18
C VAL B 170 -0.78 16.71 3.91
N LYS B 171 -1.03 15.55 3.32
CA LYS B 171 -1.85 14.57 4.02
C LYS B 171 -1.09 13.93 5.19
N PHE B 172 0.19 13.59 5.00
CA PHE B 172 0.92 12.95 6.09
C PHE B 172 1.05 13.89 7.28
N ASN B 173 1.35 15.17 7.02
CA ASN B 173 1.52 16.16 8.09
C ASN B 173 0.25 16.39 8.87
N ALA B 174 -0.91 16.17 8.25
CA ALA B 174 -2.16 16.31 8.99
C ALA B 174 -2.27 15.30 10.13
N LEU B 175 -1.46 14.24 10.11
CA LEU B 175 -1.43 13.31 11.23
C LEU B 175 -0.77 13.90 12.46
N GLU B 176 0.04 14.94 12.31
CA GLU B 176 0.67 15.66 13.43
C GLU B 176 1.61 14.77 14.26
N LEU B 177 2.39 13.95 13.57
CA LEU B 177 3.41 13.17 14.28
C LEU B 177 4.55 14.09 14.72
N ASP B 178 5.19 13.74 15.82
CA ASP B 178 6.43 14.40 16.20
C ASP B 178 7.58 13.42 16.04
N ASP B 179 8.80 13.92 16.27
CA ASP B 179 10.01 13.15 16.00
C ASP B 179 10.02 11.82 16.74
N SER B 180 9.58 11.79 17.99
CA SER B 180 9.58 10.53 18.73
C SER B 180 8.63 9.51 18.11
N ASP B 181 7.52 9.96 17.52
CA ASP B 181 6.69 9.01 16.78
C ASP B 181 7.42 8.52 15.53
N LEU B 182 8.01 9.45 14.77
CA LEU B 182 8.61 9.15 13.48
C LEU B 182 9.80 8.20 13.64
N ALA B 183 10.54 8.29 14.75
CA ALA B 183 11.68 7.42 14.96
C ALA B 183 11.27 5.96 14.94
N ILE B 184 10.14 5.62 15.56
CA ILE B 184 9.67 4.24 15.53
C ILE B 184 9.08 3.88 14.17
N PHE B 185 8.30 4.81 13.58
CA PHE B 185 7.70 4.56 12.27
C PHE B 185 8.77 4.25 11.22
N ILE B 186 9.83 5.05 11.19
CA ILE B 186 10.94 4.84 10.26
C ILE B 186 11.58 3.46 10.45
N ALA B 187 11.79 3.05 11.71
CA ALA B 187 12.32 1.73 12.00
C ALA B 187 11.40 0.64 11.48
N VAL B 188 10.08 0.81 11.65
CA VAL B 188 9.13 -0.20 11.16
C VAL B 188 9.26 -0.37 9.66
N ILE B 189 9.41 0.74 8.92
CA ILE B 189 9.60 0.67 7.47
C ILE B 189 10.84 -0.12 7.10
N ILE B 190 11.97 0.15 7.76
CA ILE B 190 13.22 -0.51 7.37
C ILE B 190 13.11 -2.03 7.52
N LEU B 191 12.53 -2.49 8.62
CA LEU B 191 12.44 -3.93 8.92
C LEU B 191 11.19 -4.55 8.30
N SER B 192 11.02 -4.37 6.99
CA SER B 192 9.90 -4.98 6.26
C SER B 192 10.30 -6.33 5.70
N GLY B 193 9.60 -7.39 6.13
CA GLY B 193 9.92 -8.72 5.65
C GLY B 193 9.42 -9.06 4.26
N ASP B 194 8.66 -8.18 3.61
CA ASP B 194 8.15 -8.46 2.28
C ASP B 194 9.01 -7.84 1.19
N ARG B 195 10.20 -7.40 1.51
CA ARG B 195 11.06 -6.88 0.46
C ARG B 195 11.48 -8.03 -0.47
N PRO B 196 11.56 -7.78 -1.76
CA PRO B 196 11.96 -8.85 -2.69
C PRO B 196 13.39 -9.29 -2.42
N GLY B 197 13.61 -10.61 -2.49
CA GLY B 197 14.95 -11.19 -2.41
C GLY B 197 15.50 -11.41 -1.02
N LEU B 198 14.69 -11.21 0.02
CA LEU B 198 15.16 -11.46 1.38
C LEU B 198 15.40 -12.95 1.61
N LEU B 199 16.48 -13.27 2.31
CA LEU B 199 16.84 -14.66 2.52
C LEU B 199 16.22 -15.24 3.80
N ASN B 200 16.06 -14.43 4.86
CA ASN B 200 15.59 -14.95 6.16
C ASN B 200 14.48 -14.03 6.63
N VAL B 201 13.26 -14.26 6.15
CA VAL B 201 12.19 -13.32 6.46
C VAL B 201 11.85 -13.35 7.95
N LYS B 202 11.96 -14.50 8.59
CA LYS B 202 11.49 -14.65 9.98
C LYS B 202 12.22 -13.76 10.98
N PRO B 203 13.55 -13.70 11.03
CA PRO B 203 14.17 -12.79 12.00
C PRO B 203 13.86 -11.32 11.75
N ILE B 204 13.64 -10.92 10.49
CA ILE B 204 13.21 -9.55 10.22
C ILE B 204 11.80 -9.30 10.78
N GLU B 205 10.89 -10.27 10.60
CA GLU B 205 9.53 -10.07 11.08
C GLU B 205 9.44 -10.09 12.61
N ASP B 206 10.31 -10.83 13.30
CA ASP B 206 10.30 -10.76 14.75
C ASP B 206 10.71 -9.37 15.24
N ILE B 207 11.69 -8.77 14.59
CA ILE B 207 12.08 -7.41 14.96
C ILE B 207 10.93 -6.44 14.70
N GLN B 208 10.31 -6.54 13.51
CA GLN B 208 9.24 -5.60 13.19
C GLN B 208 8.06 -5.73 14.15
N ASP B 209 7.76 -6.96 14.61
CA ASP B 209 6.71 -7.15 15.60
C ASP B 209 6.97 -6.34 16.87
N ASN B 210 8.23 -6.39 17.34
CA ASN B 210 8.62 -5.59 18.49
C ASN B 210 8.44 -4.11 18.21
N LEU B 211 8.87 -3.67 17.03
CA LEU B 211 8.77 -2.27 16.64
C LEU B 211 7.31 -1.83 16.48
N LEU B 212 6.47 -2.69 15.90
CA LEU B 212 5.05 -2.39 15.78
C LEU B 212 4.41 -2.26 17.16
N GLN B 213 4.75 -3.16 18.09
CA GLN B 213 4.25 -3.02 19.46
C GLN B 213 4.70 -1.71 20.07
N ALA B 214 5.96 -1.32 19.85
CA ALA B 214 6.44 -0.09 20.45
C ALA B 214 5.76 1.12 19.83
N LEU B 215 5.53 1.10 18.52
CA LEU B 215 4.82 2.20 17.86
C LEU B 215 3.39 2.31 18.38
N GLU B 216 2.71 1.17 18.55
CA GLU B 216 1.32 1.17 19.01
C GLU B 216 1.20 1.84 20.38
N LEU B 217 2.04 1.42 21.33
CA LEU B 217 2.01 2.03 22.66
C LEU B 217 2.41 3.51 22.60
N GLN B 218 3.46 3.85 21.84
CA GLN B 218 3.87 5.24 21.70
C GLN B 218 2.72 6.11 21.20
N LEU B 219 2.01 5.66 20.17
CA LEU B 219 0.95 6.50 19.64
C LEU B 219 -0.20 6.64 20.62
N LYS B 220 -0.56 5.56 21.32
CA LYS B 220 -1.59 5.66 22.34
C LYS B 220 -1.22 6.67 23.44
N LEU B 221 0.03 6.63 23.91
CA LEU B 221 0.44 7.52 24.99
C LEU B 221 0.61 8.97 24.52
N ASN B 222 1.18 9.18 23.34
CA ASN B 222 1.51 10.53 22.88
C ASN B 222 0.34 11.21 22.17
N HIS B 223 -0.69 10.45 21.78
CA HIS B 223 -1.86 10.98 21.08
C HIS B 223 -3.13 10.30 21.56
N PRO B 224 -3.42 10.32 22.87
CA PRO B 224 -4.54 9.52 23.39
C PRO B 224 -5.90 9.90 22.82
N GLU B 225 -6.03 11.10 22.28
CA GLU B 225 -7.28 11.58 21.73
C GLU B 225 -7.37 11.36 20.21
N SER B 226 -6.36 10.73 19.61
CA SER B 226 -6.29 10.52 18.17
C SER B 226 -6.65 9.07 17.88
N SER B 227 -7.94 8.81 17.70
CA SER B 227 -8.44 7.45 17.59
C SER B 227 -7.89 6.75 16.35
N GLN B 228 -7.42 5.52 16.55
CA GLN B 228 -6.91 4.66 15.48
C GLN B 228 -5.80 5.33 14.68
N LEU B 229 -4.98 6.18 15.32
CA LEU B 229 -3.85 6.78 14.61
C LEU B 229 -2.86 5.73 14.14
N PHE B 230 -2.70 4.67 14.93
CA PHE B 230 -1.84 3.55 14.56
C PHE B 230 -2.26 2.99 13.21
N ALA B 231 -3.51 2.56 13.10
CA ALA B 231 -4.01 2.06 11.83
C ALA B 231 -3.86 3.10 10.71
N LYS B 232 -4.19 4.37 10.98
CA LYS B 232 -4.12 5.36 9.90
C LYS B 232 -2.67 5.54 9.45
N LEU B 233 -1.74 5.53 10.40
CA LEU B 233 -0.33 5.67 10.03
C LEU B 233 0.15 4.50 9.17
N LEU B 234 -0.27 3.27 9.48
CA LEU B 234 0.13 2.12 8.67
C LEU B 234 -0.42 2.21 7.25
N GLN B 235 -1.66 2.69 7.11
CA GLN B 235 -2.21 2.89 5.77
C GLN B 235 -1.42 3.91 4.97
N LYS B 236 -0.68 4.79 5.64
CA LYS B 236 0.13 5.74 4.90
C LYS B 236 1.30 5.05 4.20
N MET B 237 1.74 3.89 4.72
CA MET B 237 2.80 3.11 4.07
C MET B 237 2.39 2.67 2.68
N THR B 238 1.09 2.72 2.37
CA THR B 238 0.59 2.48 1.03
C THR B 238 0.86 3.67 0.09
N ASP B 239 0.60 4.89 0.56
CA ASP B 239 0.90 6.06 -0.25
C ASP B 239 2.39 6.15 -0.56
N LEU B 240 3.23 5.67 0.35
CA LEU B 240 4.67 5.72 0.13
C LEU B 240 5.08 4.80 -1.00
N ARG B 241 4.62 3.54 -0.96
CA ARG B 241 5.00 2.59 -2.00
C ARG B 241 4.66 3.14 -3.38
N GLN B 242 3.52 3.83 -3.51
CA GLN B 242 3.08 4.29 -4.84
C GLN B 242 3.89 5.48 -5.30
N ILE B 243 4.27 6.34 -4.36
CA ILE B 243 5.02 7.54 -4.69
C ILE B 243 6.45 7.16 -5.13
N VAL B 244 7.04 6.12 -4.51
CA VAL B 244 8.33 5.60 -4.96
C VAL B 244 8.25 5.13 -6.39
N THR B 245 7.18 4.41 -6.74
CA THR B 245 7.00 3.90 -8.10
C THR B 245 6.96 5.03 -9.12
N GLU B 246 6.18 6.08 -8.86
CA GLU B 246 6.16 7.22 -9.77
C GLU B 246 7.55 7.79 -9.94
N HIS B 247 8.24 8.00 -8.83
CA HIS B 247 9.57 8.58 -8.86
C HIS B 247 10.51 7.80 -9.77
N VAL B 248 10.57 6.48 -9.56
CA VAL B 248 11.44 5.62 -10.36
C VAL B 248 11.15 5.77 -11.85
N GLN B 249 9.87 5.81 -12.22
CA GLN B 249 9.52 5.99 -13.62
C GLN B 249 9.92 7.36 -14.15
N LEU B 250 9.87 8.39 -13.29
CA LEU B 250 10.29 9.71 -13.73
C LEU B 250 11.78 9.75 -14.02
N LEU B 251 12.58 9.15 -13.14
CA LEU B 251 14.02 9.05 -13.38
C LEU B 251 14.32 8.41 -14.73
N GLN B 252 13.73 7.23 -14.98
CA GLN B 252 13.97 6.52 -16.23
C GLN B 252 13.77 7.42 -17.45
N VAL B 253 12.73 8.27 -17.44
CA VAL B 253 12.52 9.15 -18.58
C VAL B 253 13.69 10.11 -18.71
N ILE B 254 14.18 10.59 -17.58
CA ILE B 254 15.30 11.54 -17.57
C ILE B 254 16.59 10.88 -18.03
N LYS B 255 16.87 9.65 -17.56
CA LYS B 255 18.05 8.93 -18.00
C LYS B 255 18.08 8.77 -19.52
N LYS B 256 16.93 8.54 -20.14
CA LYS B 256 16.85 8.32 -21.58
C LYS B 256 16.68 9.63 -22.35
N THR B 257 16.73 10.78 -21.68
CA THR B 257 16.52 12.04 -22.39
C THR B 257 17.67 13.00 -22.13
N GLU B 258 18.27 12.94 -20.93
CA GLU B 258 19.40 13.79 -20.59
C GLU B 258 20.60 12.85 -20.47
N THR B 259 21.26 12.60 -21.62
CA THR B 259 22.34 11.63 -21.64
C THR B 259 23.67 12.17 -21.09
N ASP B 260 23.76 13.48 -20.84
CA ASP B 260 24.94 14.03 -20.18
C ASP B 260 24.78 14.16 -18.67
N MET B 261 23.63 13.77 -18.12
CA MET B 261 23.38 13.92 -16.70
C MET B 261 23.62 12.58 -16.02
N SER B 262 24.11 12.62 -14.79
CA SER B 262 24.64 11.44 -14.12
C SER B 262 24.16 11.34 -12.69
N LEU B 263 23.98 10.11 -12.20
CA LEU B 263 23.62 9.89 -10.81
C LEU B 263 24.83 9.48 -9.99
N HIS B 264 24.71 9.71 -8.68
CA HIS B 264 25.68 9.24 -7.71
C HIS B 264 25.68 7.71 -7.65
N PRO B 265 26.84 7.07 -7.58
CA PRO B 265 26.89 5.59 -7.56
C PRO B 265 25.95 4.96 -6.55
N LEU B 266 25.91 5.50 -5.32
CA LEU B 266 25.00 4.98 -4.29
C LEU B 266 23.57 5.00 -4.78
N LEU B 267 23.15 6.09 -5.40
CA LEU B 267 21.78 6.17 -5.93
C LEU B 267 21.59 5.22 -7.09
N GLN B 268 22.59 5.14 -7.99
CA GLN B 268 22.55 4.19 -9.09
C GLN B 268 22.33 2.76 -8.62
N GLU B 269 23.04 2.35 -7.56
CA GLU B 269 22.89 0.97 -7.12
C GLU B 269 21.52 0.74 -6.50
N ILE B 270 21.02 1.71 -5.72
CA ILE B 270 19.70 1.56 -5.11
C ILE B 270 18.63 1.31 -6.16
N TYR B 271 18.64 2.05 -7.27
CA TYR B 271 17.51 1.93 -8.21
C TYR B 271 17.60 0.71 -9.10
N LYS B 272 18.78 0.07 -9.21
CA LYS B 272 18.91 -1.14 -10.00
C LYS B 272 17.91 -2.18 -9.53
N ASP B 273 16.92 -2.49 -10.38
CA ASP B 273 15.90 -3.52 -10.12
C ASP B 273 14.90 -3.16 -8.99
C1 A1IP9 C . -15.09 -15.58 -7.13
C2 A1IP9 C . -14.06 -15.09 -8.10
C3 A1IP9 C . -13.50 -13.82 -8.00
C5 A1IP9 C . -12.15 -14.25 -9.95
C6 A1IP9 C . -11.02 -13.87 -10.83
C7 A1IP9 C . -9.32 -11.34 -12.55
C8 A1IP9 C . -9.84 -10.07 -11.97
C9 A1IP9 C . -9.53 -9.73 -10.64
C13 A1IP9 C . -10.62 -9.16 -12.72
C14 A1IP9 C . -11.03 -9.41 -14.15
C16 A1IP9 C . -7.81 -14.33 -12.44
C17 A1IP9 C . -7.45 -15.64 -12.17
C19 A1IP9 C . -9.49 -15.98 -10.95
C20 A1IP9 C . -9.87 -14.64 -11.19
C22 A1IP9 C . -12.92 -17.65 -11.17
C23 A1IP9 C . -12.72 -18.13 -12.58
C26 A1IP9 C . -12.37 -19.01 -15.19
C27 A1IP9 C . -11.33 -19.06 -14.30
C28 A1IP9 C . -11.50 -18.63 -13.00
C29 A1IP9 C . -13.64 -15.95 -9.11
C10 A1IP9 C . -9.97 -8.55 -10.07
C11 A1IP9 C . -10.73 -7.69 -10.82
C12 A1IP9 C . -11.06 -7.99 -12.12
C15 A1IP9 C . -9.02 -13.81 -11.94
C18 A1IP9 C . -8.29 -16.46 -11.44
C21 A1IP9 C . -12.67 -15.56 -10.01
C24 A1IP9 C . -13.77 -18.07 -13.49
C25 A1IP9 C . -13.60 -18.52 -14.79
C4 A1IP9 C . -12.54 -13.42 -8.91
F1 A1IP9 C . -10.14 -8.96 -15.02
F2 A1IP9 C . -11.26 -10.70 -14.42
F3 A1IP9 C . -12.12 -8.74 -14.50
N1 A1IP9 C . -10.87 -12.62 -11.26
N2 A1IP9 C . -9.68 -12.58 -11.98
O1 A1IP9 C . -15.20 -15.00 -6.02
O2 A1IP9 C . -15.72 -16.61 -7.44
O3 A1IP9 C . -8.60 -11.35 -13.51
O4 A1IP9 C . -12.27 -16.39 -11.02
CL1 A1IP9 C . -8.57 -10.78 -9.64
CL2 A1IP9 C . -6.66 -13.42 -13.35
#